data_5TQI
#
_entry.id   5TQI
#
_cell.length_a   82.970
_cell.length_b   42.490
_cell.length_c   90.510
_cell.angle_alpha   90.000
_cell.angle_beta   115.560
_cell.angle_gamma   90.000
#
_symmetry.space_group_name_H-M   'P 1 21 1'
#
loop_
_entity.id
_entity.type
_entity.pdbx_description
1 polymer 'Pyridoxal kinase PdxY'
2 non-polymer 'CHLORIDE ION'
3 water water
#
_entity_poly.entity_id   1
_entity_poly.type   'polypeptide(L)'
_entity_poly.pdbx_seq_one_letter_code
;MAHHHHHHMKNVLSIQSHVIYGHAGNSAAVFPMQRLGVNVWPLNTVQLSNHMQYGHWAGSAIDAAKMEQLVDGIAAIGAL
KRCDAVLSGFAGSPAQARATVEIVRAVKAMNPNAWYFCDPAMGQTGGIRPEPGVEEFIVNEMPALADGMSPNHTELQKLA
GRRIETVAEAVDACRTLIARGPKIILVKHLHDRNSPADRFNMLAVTETEAWIGQRPLYAFPRHPVGVGDLTSAIFVARRL
RGDSVRAAFEHTLAAVHAVVKATYDARRYELELIAAQDEIARPSEWFGAWVTDV
;
_entity_poly.pdbx_strand_id   A,B
#
loop_
_chem_comp.id
_chem_comp.type
_chem_comp.name
_chem_comp.formula
CL non-polymer 'CHLORIDE ION' 'Cl -1'
#
# COMPACT_ATOMS: atom_id res chain seq x y z
N HIS A 7 -11.55 4.90 20.35
CA HIS A 7 -11.75 5.33 18.96
C HIS A 7 -10.45 5.85 18.36
N HIS A 8 -9.36 5.71 19.11
CA HIS A 8 -8.07 6.25 18.68
C HIS A 8 -7.40 5.28 17.70
N MET A 9 -7.04 5.79 16.53
CA MET A 9 -6.41 4.97 15.51
C MET A 9 -5.02 4.54 15.97
N LYS A 10 -4.71 3.25 15.80
CA LYS A 10 -3.39 2.71 16.12
C LYS A 10 -2.48 2.76 14.90
N ASN A 11 -1.17 2.79 15.16
CA ASN A 11 -0.13 2.91 14.13
C ASN A 11 0.84 1.75 14.25
N VAL A 12 1.11 1.09 13.12
CA VAL A 12 2.07 0.00 13.07
C VAL A 12 3.15 0.37 12.06
N LEU A 13 4.41 0.27 12.47
CA LEU A 13 5.54 0.42 11.56
C LEU A 13 5.88 -0.97 11.03
N SER A 14 5.74 -1.15 9.71
CA SER A 14 5.86 -2.47 9.10
C SER A 14 7.12 -2.48 8.23
N ILE A 15 8.12 -3.24 8.67
CA ILE A 15 9.47 -3.23 8.09
C ILE A 15 9.62 -4.51 7.29
N GLN A 16 9.39 -4.45 5.98
CA GLN A 16 9.32 -5.64 5.16
C GLN A 16 9.73 -5.28 3.74
N SER A 17 9.84 -6.32 2.90
CA SER A 17 10.05 -6.10 1.48
C SER A 17 8.79 -5.52 0.84
N HIS A 18 8.97 -4.93 -0.33
CA HIS A 18 7.84 -4.47 -1.14
C HIS A 18 7.97 -5.14 -2.50
N VAL A 19 6.87 -5.70 -3.01
CA VAL A 19 6.82 -6.35 -4.31
CA VAL A 19 6.87 -6.29 -4.33
C VAL A 19 5.85 -5.55 -5.20
N ILE A 20 6.33 -5.08 -6.35
CA ILE A 20 5.49 -4.22 -7.20
C ILE A 20 4.31 -5.01 -7.75
N TYR A 21 4.59 -6.13 -8.41
CA TYR A 21 3.56 -7.02 -8.92
C TYR A 21 3.32 -8.12 -7.90
N GLY A 22 2.07 -8.32 -7.52
CA GLY A 22 1.77 -9.43 -6.63
C GLY A 22 1.85 -9.06 -5.16
N HIS A 23 1.78 -10.08 -4.32
CA HIS A 23 1.55 -9.88 -2.89
C HIS A 23 2.53 -10.69 -2.05
N ALA A 24 3.51 -10.01 -1.47
CA ALA A 24 4.37 -10.57 -0.43
C ALA A 24 4.94 -9.41 0.36
N GLY A 25 5.41 -9.73 1.56
CA GLY A 25 5.91 -8.68 2.42
C GLY A 25 4.88 -7.59 2.62
N ASN A 26 5.31 -6.33 2.48
CA ASN A 26 4.39 -5.22 2.67
C ASN A 26 3.27 -5.23 1.63
N SER A 27 3.47 -5.82 0.45
CA SER A 27 2.40 -5.94 -0.54
CA SER A 27 2.34 -5.85 -0.46
C SER A 27 1.37 -6.99 -0.16
N ALA A 28 1.65 -7.79 0.88
CA ALA A 28 0.65 -8.67 1.45
C ALA A 28 0.15 -8.18 2.81
N ALA A 29 0.89 -7.30 3.47
CA ALA A 29 0.60 -6.93 4.86
C ALA A 29 -0.07 -5.58 5.02
N VAL A 30 0.32 -4.58 4.22
CA VAL A 30 -0.10 -3.22 4.49
C VAL A 30 -1.60 -3.06 4.26
N PHE A 31 -2.07 -3.43 3.07
CA PHE A 31 -3.50 -3.27 2.76
C PHE A 31 -4.40 -4.00 3.74
N PRO A 32 -4.15 -5.27 4.10
CA PRO A 32 -5.05 -5.93 5.05
C PRO A 32 -5.12 -5.21 6.38
N MET A 33 -3.99 -4.74 6.92
CA MET A 33 -4.04 -4.01 8.19
C MET A 33 -4.81 -2.71 8.04
N GLN A 34 -4.57 -1.97 6.95
CA GLN A 34 -5.33 -0.75 6.69
C GLN A 34 -6.82 -1.04 6.57
N ARG A 35 -7.16 -2.11 5.85
CA ARG A 35 -8.57 -2.47 5.67
C ARG A 35 -9.21 -2.82 7.00
N LEU A 36 -8.42 -3.30 7.95
CA LEU A 36 -8.88 -3.64 9.29
C LEU A 36 -8.87 -2.43 10.23
N GLY A 37 -8.59 -1.23 9.72
CA GLY A 37 -8.73 -0.03 10.51
C GLY A 37 -7.52 0.38 11.31
N VAL A 38 -6.32 -0.03 10.89
CA VAL A 38 -5.06 0.33 11.55
C VAL A 38 -4.23 1.13 10.56
N ASN A 39 -3.61 2.22 11.03
CA ASN A 39 -2.70 2.96 10.17
C ASN A 39 -1.38 2.20 10.07
N VAL A 40 -0.79 2.20 8.86
CA VAL A 40 0.45 1.47 8.62
C VAL A 40 1.48 2.43 8.06
N TRP A 41 2.67 2.42 8.67
CA TRP A 41 3.82 3.15 8.16
C TRP A 41 4.73 2.11 7.52
N PRO A 42 4.72 1.94 6.20
CA PRO A 42 5.52 0.88 5.59
C PRO A 42 6.94 1.33 5.32
N LEU A 43 7.90 0.68 5.96
CA LEU A 43 9.31 0.88 5.65
CA LEU A 43 9.31 0.88 5.65
C LEU A 43 9.71 -0.29 4.76
N ASN A 44 9.99 0.01 3.48
CA ASN A 44 10.31 -1.02 2.51
C ASN A 44 11.82 -1.22 2.48
N THR A 45 12.28 -2.40 2.91
CA THR A 45 13.71 -2.69 2.93
C THR A 45 14.25 -3.03 1.55
N VAL A 46 13.37 -3.44 0.64
CA VAL A 46 13.75 -3.69 -0.74
C VAL A 46 12.50 -3.53 -1.59
N GLN A 47 12.68 -3.16 -2.85
CA GLN A 47 11.60 -3.12 -3.81
C GLN A 47 11.91 -4.12 -4.92
N LEU A 48 11.07 -5.14 -5.04
CA LEU A 48 11.25 -6.20 -6.02
C LEU A 48 10.18 -6.09 -7.09
N SER A 49 10.52 -6.49 -8.32
CA SER A 49 9.53 -6.49 -9.39
C SER A 49 8.43 -7.52 -9.10
N ASN A 50 8.79 -8.65 -8.50
CA ASN A 50 7.92 -9.79 -8.29
C ASN A 50 8.64 -10.71 -7.32
N HIS A 51 7.92 -11.71 -6.79
CA HIS A 51 8.48 -12.65 -5.82
CA HIS A 51 8.60 -12.50 -5.79
C HIS A 51 9.66 -13.41 -6.42
N MET A 52 10.59 -13.81 -5.56
CA MET A 52 11.72 -14.60 -6.02
C MET A 52 11.32 -15.99 -6.47
N GLN A 53 10.16 -16.50 -6.02
CA GLN A 53 9.74 -17.84 -6.43
C GLN A 53 9.46 -17.96 -7.92
N TYR A 54 9.29 -16.84 -8.64
CA TYR A 54 9.15 -16.92 -10.09
C TYR A 54 10.43 -17.39 -10.76
N GLY A 55 11.57 -17.29 -10.08
CA GLY A 55 12.84 -17.72 -10.60
C GLY A 55 13.71 -16.59 -11.11
N HIS A 56 13.13 -15.43 -11.41
CA HIS A 56 13.90 -14.27 -11.80
C HIS A 56 13.13 -13.03 -11.37
N TRP A 57 13.88 -11.98 -11.06
CA TRP A 57 13.28 -10.75 -10.59
C TRP A 57 14.30 -9.63 -10.73
N ALA A 58 13.81 -8.41 -10.65
CA ALA A 58 14.66 -7.24 -10.51
C ALA A 58 14.38 -6.62 -9.15
N GLY A 59 15.36 -5.89 -8.62
CA GLY A 59 15.19 -5.32 -7.30
C GLY A 59 16.14 -4.19 -7.00
N SER A 60 15.75 -3.40 -6.02
CA SER A 60 16.57 -2.32 -5.48
CA SER A 60 16.59 -2.34 -5.47
C SER A 60 16.37 -2.32 -3.98
N ALA A 61 17.46 -2.30 -3.22
CA ALA A 61 17.39 -2.37 -1.77
C ALA A 61 17.97 -1.09 -1.16
N ILE A 62 17.54 -0.80 0.06
CA ILE A 62 18.21 0.19 0.88
C ILE A 62 19.08 -0.56 1.88
N ASP A 63 20.09 0.11 2.41
CA ASP A 63 20.94 -0.55 3.39
C ASP A 63 20.53 -0.18 4.81
N ALA A 64 21.24 -0.78 5.76
CA ALA A 64 20.90 -0.60 7.17
C ALA A 64 21.04 0.86 7.59
N ALA A 65 22.05 1.55 7.07
CA ALA A 65 22.23 2.95 7.42
C ALA A 65 21.03 3.78 6.97
N LYS A 66 20.49 3.47 5.79
CA LYS A 66 19.34 4.20 5.28
C LYS A 66 18.09 3.88 6.09
N MET A 67 17.93 2.63 6.52
CA MET A 67 16.81 2.29 7.39
C MET A 67 16.82 3.17 8.64
N GLU A 68 17.98 3.30 9.27
CA GLU A 68 18.09 4.12 10.47
C GLU A 68 17.80 5.58 10.15
N GLN A 69 18.29 6.07 9.02
CA GLN A 69 18.08 7.47 8.65
C GLN A 69 16.61 7.76 8.41
N LEU A 70 15.91 6.84 7.75
CA LEU A 70 14.49 7.03 7.49
C LEU A 70 13.72 7.08 8.80
N VAL A 71 14.03 6.18 9.72
CA VAL A 71 13.35 6.17 11.02
C VAL A 71 13.70 7.42 11.82
N ASP A 72 14.95 7.88 11.73
CA ASP A 72 15.31 9.16 12.35
C ASP A 72 14.40 10.28 11.85
N GLY A 73 14.07 10.27 10.55
CA GLY A 73 13.19 11.30 10.01
C GLY A 73 11.80 11.25 10.62
N ILE A 74 11.26 10.04 10.81
CA ILE A 74 9.94 9.91 11.42
C ILE A 74 9.97 10.42 12.86
N ALA A 75 11.09 10.18 13.55
CA ALA A 75 11.22 10.69 14.92
C ALA A 75 11.35 12.20 14.93
N ALA A 76 12.03 12.77 13.93
CA ALA A 76 12.32 14.20 13.93
C ALA A 76 11.04 15.03 13.87
N ILE A 77 9.98 14.52 13.23
CA ILE A 77 8.73 15.26 13.15
C ILE A 77 7.80 14.90 14.30
N GLY A 78 8.30 14.12 15.26
CA GLY A 78 7.55 13.79 16.44
C GLY A 78 6.61 12.62 16.30
N ALA A 79 6.67 11.89 15.18
CA ALA A 79 5.70 10.84 14.92
C ALA A 79 6.11 9.49 15.48
N LEU A 80 7.41 9.18 15.54
CA LEU A 80 7.83 7.82 15.85
C LEU A 80 7.36 7.40 17.25
N LYS A 81 7.34 8.34 18.20
CA LYS A 81 6.90 7.99 19.54
C LYS A 81 5.43 7.60 19.61
N ARG A 82 4.64 7.85 18.57
CA ARG A 82 3.26 7.43 18.52
C ARG A 82 3.08 6.06 17.86
N CYS A 83 4.17 5.39 17.52
CA CYS A 83 4.07 4.03 16.99
C CYS A 83 3.56 3.10 18.09
N ASP A 84 2.52 2.33 17.77
CA ASP A 84 1.93 1.39 18.73
C ASP A 84 2.50 -0.03 18.59
N ALA A 85 3.02 -0.39 17.43
CA ALA A 85 3.60 -1.70 17.24
C ALA A 85 4.57 -1.64 16.07
N VAL A 86 5.60 -2.49 16.13
CA VAL A 86 6.49 -2.74 15.01
C VAL A 86 6.25 -4.16 14.53
N LEU A 87 6.11 -4.33 13.22
CA LEU A 87 5.98 -5.64 12.59
C LEU A 87 7.15 -5.78 11.62
N SER A 88 7.92 -6.86 11.76
CA SER A 88 9.02 -7.11 10.84
C SER A 88 8.78 -8.40 10.09
N GLY A 89 9.31 -8.47 8.88
CA GLY A 89 9.26 -9.68 8.07
C GLY A 89 10.60 -10.02 7.46
N PHE A 90 10.63 -10.17 6.14
CA PHE A 90 11.85 -10.56 5.42
CA PHE A 90 11.86 -10.59 5.47
C PHE A 90 12.95 -9.54 5.62
N ALA A 91 14.16 -10.01 5.91
CA ALA A 91 15.35 -9.18 5.98
C ALA A 91 16.29 -9.64 4.87
N GLY A 92 16.76 -8.69 4.06
CA GLY A 92 17.61 -9.01 2.94
C GLY A 92 19.07 -9.22 3.26
N SER A 93 19.49 -8.89 4.47
CA SER A 93 20.89 -9.02 4.87
C SER A 93 20.96 -9.01 6.38
N PRO A 94 22.03 -9.58 6.96
CA PRO A 94 22.19 -9.49 8.43
C PRO A 94 22.19 -8.06 8.94
N ALA A 95 22.76 -7.12 8.17
CA ALA A 95 22.78 -5.74 8.63
C ALA A 95 21.38 -5.16 8.72
N GLN A 96 20.51 -5.52 7.78
CA GLN A 96 19.13 -5.05 7.84
C GLN A 96 18.41 -5.61 9.06
N ALA A 97 18.64 -6.90 9.37
CA ALA A 97 18.01 -7.49 10.54
C ALA A 97 18.50 -6.81 11.82
N ARG A 98 19.80 -6.50 11.88
CA ARG A 98 20.31 -5.75 13.03
C ARG A 98 19.68 -4.36 13.11
N ALA A 99 19.49 -3.70 11.96
CA ALA A 99 18.86 -2.39 11.97
C ALA A 99 17.43 -2.46 12.48
N THR A 100 16.71 -3.53 12.13
CA THR A 100 15.35 -3.71 12.62
C THR A 100 15.32 -3.76 14.14
N VAL A 101 16.25 -4.52 14.74
CA VAL A 101 16.34 -4.60 16.20
C VAL A 101 16.57 -3.23 16.80
N GLU A 102 17.46 -2.43 16.20
CA GLU A 102 17.75 -1.11 16.76
C GLU A 102 16.54 -0.17 16.64
N ILE A 103 15.77 -0.31 15.56
CA ILE A 103 14.55 0.47 15.41
C ILE A 103 13.54 0.07 16.48
N VAL A 104 13.36 -1.23 16.68
CA VAL A 104 12.46 -1.73 17.72
C VAL A 104 12.87 -1.18 19.08
N ARG A 105 14.17 -1.24 19.40
CA ARG A 105 14.63 -0.75 20.70
C ARG A 105 14.24 0.71 20.89
N ALA A 106 14.41 1.53 19.84
CA ALA A 106 14.08 2.95 19.93
C ALA A 106 12.60 3.15 20.13
N VAL A 107 11.76 2.49 19.32
CA VAL A 107 10.33 2.64 19.46
C VAL A 107 9.88 2.27 20.87
N LYS A 108 10.38 1.15 21.39
CA LYS A 108 9.93 0.69 22.70
C LYS A 108 10.40 1.61 23.83
N ALA A 109 11.55 2.25 23.65
CA ALA A 109 11.98 3.24 24.64
C ALA A 109 11.18 4.53 24.55
N MET A 110 10.73 4.90 23.35
CA MET A 110 9.90 6.10 23.19
C MET A 110 8.49 5.86 23.71
N ASN A 111 7.95 4.67 23.48
CA ASN A 111 6.58 4.34 23.86
C ASN A 111 6.59 3.04 24.64
N PRO A 112 6.48 3.10 25.97
CA PRO A 112 6.56 1.88 26.79
C PRO A 112 5.40 0.91 26.58
N ASN A 113 4.36 1.32 25.84
CA ASN A 113 3.26 0.43 25.52
C ASN A 113 3.41 -0.22 24.15
N ALA A 114 4.40 0.20 23.36
CA ALA A 114 4.57 -0.39 22.04
C ALA A 114 5.08 -1.82 22.16
N TRP A 115 4.70 -2.65 21.19
CA TRP A 115 5.18 -4.02 21.16
C TRP A 115 5.72 -4.37 19.78
N TYR A 116 6.57 -5.39 19.75
CA TYR A 116 7.23 -5.84 18.53
C TYR A 116 6.74 -7.23 18.17
N PHE A 117 6.24 -7.39 16.95
CA PHE A 117 5.81 -8.68 16.44
C PHE A 117 6.75 -9.06 15.32
N CYS A 118 7.50 -10.15 15.53
CA CYS A 118 8.51 -10.60 14.58
C CYS A 118 7.95 -11.77 13.79
N ASP A 119 7.77 -11.59 12.49
CA ASP A 119 7.56 -12.74 11.61
C ASP A 119 8.93 -13.14 11.11
N PRO A 120 9.44 -14.34 11.45
CA PRO A 120 10.78 -14.72 10.99
C PRO A 120 10.98 -14.60 9.48
N ALA A 121 9.99 -14.96 8.69
CA ALA A 121 10.00 -14.79 7.24
C ALA A 121 11.34 -15.22 6.62
N MET A 122 11.66 -16.50 6.79
CA MET A 122 12.91 -17.05 6.29
C MET A 122 12.83 -17.49 4.83
N GLY A 123 11.69 -17.35 4.18
CA GLY A 123 11.60 -17.73 2.78
C GLY A 123 11.72 -19.24 2.62
N GLN A 124 12.19 -19.65 1.43
CA GLN A 124 12.36 -21.07 1.15
C GLN A 124 13.62 -21.55 1.86
N THR A 125 13.46 -22.42 2.85
CA THR A 125 14.60 -22.91 3.60
C THR A 125 14.25 -24.28 4.17
N GLY A 126 15.20 -24.87 4.88
CA GLY A 126 14.99 -26.16 5.50
C GLY A 126 16.08 -26.40 6.52
N GLY A 127 15.96 -27.54 7.20
CA GLY A 127 16.93 -27.92 8.22
C GLY A 127 16.61 -27.32 9.58
N ILE A 128 17.04 -28.04 10.62
CA ILE A 128 16.90 -27.51 11.97
C ILE A 128 17.95 -26.43 12.25
N ARG A 129 19.15 -26.59 11.73
CA ARG A 129 20.21 -25.62 11.96
C ARG A 129 19.87 -24.29 11.29
N PRO A 130 20.00 -23.16 11.99
CA PRO A 130 19.87 -21.86 11.32
C PRO A 130 21.08 -21.60 10.44
N GLU A 131 20.82 -21.12 9.22
CA GLU A 131 21.92 -20.78 8.33
C GLU A 131 22.66 -19.56 8.86
N PRO A 132 23.98 -19.47 8.63
CA PRO A 132 24.72 -18.29 9.05
C PRO A 132 24.11 -17.02 8.47
N GLY A 133 24.21 -15.94 9.22
CA GLY A 133 23.70 -14.67 8.75
C GLY A 133 22.31 -14.37 9.28
N VAL A 134 21.33 -14.23 8.38
CA VAL A 134 20.00 -13.77 8.79
C VAL A 134 19.31 -14.79 9.69
N GLU A 135 19.27 -16.07 9.27
CA GLU A 135 18.55 -17.06 10.07
C GLU A 135 19.16 -17.16 11.47
N GLU A 136 20.49 -17.24 11.55
CA GLU A 136 21.19 -17.25 12.82
C GLU A 136 20.80 -16.04 13.68
N PHE A 137 20.73 -14.86 13.07
CA PHE A 137 20.39 -13.67 13.84
C PHE A 137 18.95 -13.73 14.35
N ILE A 138 18.03 -14.19 13.52
CA ILE A 138 16.64 -14.31 13.95
C ILE A 138 16.54 -15.25 15.15
N VAL A 139 17.22 -16.39 15.08
CA VAL A 139 17.12 -17.39 16.13
C VAL A 139 17.81 -16.90 17.41
N ASN A 140 18.97 -16.28 17.28
CA ASN A 140 19.76 -15.93 18.47
C ASN A 140 19.37 -14.61 19.10
N GLU A 141 18.92 -13.64 18.31
CA GLU A 141 18.79 -12.26 18.80
C GLU A 141 17.36 -11.75 18.89
N MET A 142 16.49 -12.15 17.97
CA MET A 142 15.16 -11.54 17.93
C MET A 142 14.22 -11.91 19.08
N PRO A 143 14.24 -13.14 19.61
CA PRO A 143 13.29 -13.45 20.69
C PRO A 143 13.43 -12.56 21.92
N ALA A 144 14.63 -12.04 22.19
CA ALA A 144 14.84 -11.23 23.39
C ALA A 144 14.04 -9.92 23.34
N LEU A 145 13.78 -9.39 22.13
CA LEU A 145 13.05 -8.15 21.99
C LEU A 145 11.62 -8.32 21.52
N ALA A 146 11.26 -9.50 21.03
CA ALA A 146 9.95 -9.69 20.41
C ALA A 146 8.91 -9.95 21.48
N ASP A 147 7.78 -9.26 21.37
CA ASP A 147 6.63 -9.55 22.21
C ASP A 147 5.79 -10.66 21.63
N GLY A 148 5.81 -10.82 20.32
CA GLY A 148 5.18 -11.94 19.67
C GLY A 148 6.02 -12.38 18.49
N MET A 149 5.91 -13.66 18.13
CA MET A 149 6.57 -14.18 16.95
C MET A 149 5.60 -15.08 16.20
N SER A 150 5.72 -15.11 14.87
CA SER A 150 4.83 -15.91 14.03
C SER A 150 5.59 -16.88 13.11
N PRO A 151 6.36 -17.81 13.68
CA PRO A 151 7.07 -18.79 12.84
C PRO A 151 6.09 -19.74 12.17
N ASN A 152 6.43 -20.15 10.94
CA ASN A 152 5.86 -21.36 10.39
C ASN A 152 6.59 -22.56 10.99
N HIS A 153 6.24 -23.76 10.53
CA HIS A 153 6.79 -24.96 11.13
C HIS A 153 8.31 -25.02 11.01
N THR A 154 8.83 -24.78 9.80
CA THR A 154 10.27 -24.82 9.60
C THR A 154 10.97 -23.77 10.47
N GLU A 155 10.40 -22.58 10.55
CA GLU A 155 10.99 -21.52 11.35
C GLU A 155 10.94 -21.86 12.84
N LEU A 156 9.84 -22.52 13.27
CA LEU A 156 9.73 -22.91 14.67
C LEU A 156 10.78 -23.93 15.05
N GLN A 157 11.04 -24.90 14.16
CA GLN A 157 12.09 -25.88 14.43
C GLN A 157 13.45 -25.20 14.58
N LYS A 158 13.73 -24.20 13.74
CA LYS A 158 14.99 -23.48 13.84
C LYS A 158 15.07 -22.67 15.13
N LEU A 159 13.97 -21.99 15.49
CA LEU A 159 13.97 -21.21 16.73
C LEU A 159 14.15 -22.12 17.95
N ALA A 160 13.54 -23.30 17.92
CA ALA A 160 13.58 -24.21 19.05
C ALA A 160 14.76 -25.18 19.01
N GLY A 161 15.43 -25.31 17.86
CA GLY A 161 16.50 -26.29 17.74
C GLY A 161 16.04 -27.72 17.87
N ARG A 162 14.84 -28.04 17.41
CA ARG A 162 14.28 -29.37 17.58
C ARG A 162 13.47 -29.76 16.36
N ARG A 163 13.40 -31.07 16.15
CA ARG A 163 12.40 -31.65 15.27
C ARG A 163 11.05 -31.63 15.99
N ILE A 164 10.00 -31.24 15.26
CA ILE A 164 8.66 -31.10 15.79
C ILE A 164 7.68 -31.78 14.82
N GLU A 165 6.85 -32.68 15.34
CA GLU A 165 5.92 -33.41 14.49
C GLU A 165 4.48 -33.44 15.00
N THR A 166 4.23 -33.08 16.24
CA THR A 166 2.90 -33.16 16.82
C THR A 166 2.53 -31.81 17.40
N VAL A 167 1.23 -31.64 17.65
CA VAL A 167 0.76 -30.43 18.32
C VAL A 167 1.43 -30.27 19.67
N ALA A 168 1.48 -31.34 20.47
CA ALA A 168 2.02 -31.23 21.82
C ALA A 168 3.51 -30.88 21.79
N GLU A 169 4.26 -31.45 20.85
CA GLU A 169 5.65 -31.06 20.69
C GLU A 169 5.78 -29.60 20.29
N ALA A 170 4.86 -29.12 19.44
CA ALA A 170 4.91 -27.73 19.04
C ALA A 170 4.58 -26.79 20.20
N VAL A 171 3.58 -27.15 21.01
CA VAL A 171 3.27 -26.32 22.18
C VAL A 171 4.47 -26.23 23.10
N ASP A 172 5.15 -27.36 23.34
CA ASP A 172 6.32 -27.35 24.20
C ASP A 172 7.41 -26.45 23.62
N ALA A 173 7.64 -26.53 22.30
CA ALA A 173 8.65 -25.67 21.67
C ALA A 173 8.28 -24.20 21.84
N CYS A 174 7.00 -23.88 21.67
CA CYS A 174 6.54 -22.51 21.86
C CYS A 174 6.80 -22.05 23.29
N ARG A 175 6.52 -22.91 24.28
CA ARG A 175 6.70 -22.52 25.67
C ARG A 175 8.18 -22.27 25.98
N THR A 176 9.08 -23.07 25.41
CA THR A 176 10.50 -22.83 25.60
C THR A 176 10.92 -21.49 24.98
N LEU A 177 10.34 -21.17 23.82
CA LEU A 177 10.63 -19.90 23.17
C LEU A 177 10.07 -18.73 23.97
N ILE A 178 8.87 -18.90 24.54
CA ILE A 178 8.25 -17.87 25.37
C ILE A 178 9.14 -17.56 26.58
N ALA A 179 9.79 -18.57 27.13
CA ALA A 179 10.72 -18.35 28.24
C ALA A 179 11.91 -17.49 27.85
N ARG A 180 12.16 -17.31 26.55
CA ARG A 180 13.24 -16.44 26.09
CA ARG A 180 13.23 -16.45 26.06
C ARG A 180 12.80 -15.00 25.87
N GLY A 181 11.53 -14.68 26.05
CA GLY A 181 11.08 -13.31 25.85
C GLY A 181 9.65 -13.12 25.35
N PRO A 182 9.32 -13.68 24.19
CA PRO A 182 8.00 -13.41 23.59
C PRO A 182 6.86 -13.89 24.47
N LYS A 183 5.76 -13.14 24.44
CA LYS A 183 4.56 -13.54 25.18
C LYS A 183 3.63 -14.42 24.36
N ILE A 184 3.67 -14.33 23.04
CA ILE A 184 2.74 -15.08 22.20
CA ILE A 184 2.73 -15.05 22.17
C ILE A 184 3.52 -15.63 21.01
N ILE A 185 3.28 -16.90 20.70
CA ILE A 185 3.81 -17.52 19.49
C ILE A 185 2.60 -17.90 18.64
N LEU A 186 2.53 -17.35 17.44
CA LEU A 186 1.54 -17.77 16.45
C LEU A 186 2.25 -18.70 15.49
N VAL A 187 1.98 -19.99 15.59
CA VAL A 187 2.55 -20.92 14.60
C VAL A 187 1.66 -20.84 13.37
N LYS A 188 2.12 -20.11 12.35
CA LYS A 188 1.25 -19.71 11.25
C LYS A 188 0.99 -20.85 10.27
N HIS A 189 1.73 -21.94 10.37
CA HIS A 189 1.44 -23.19 9.64
C HIS A 189 2.14 -24.30 10.40
N LEU A 190 1.37 -25.26 10.91
CA LEU A 190 1.91 -26.35 11.71
C LEU A 190 1.78 -27.64 10.91
N HIS A 191 2.87 -28.40 10.84
CA HIS A 191 2.86 -29.71 10.20
C HIS A 191 2.57 -30.75 11.28
N ASP A 192 1.30 -31.14 11.40
CA ASP A 192 0.83 -32.06 12.43
C ASP A 192 0.65 -33.43 11.79
N ARG A 193 1.54 -34.38 12.13
CA ARG A 193 1.48 -35.69 11.51
C ARG A 193 0.21 -36.45 11.88
N ASN A 194 -0.51 -36.02 12.91
CA ASN A 194 -1.77 -36.64 13.30
C ASN A 194 -2.99 -35.98 12.66
N SER A 195 -2.80 -34.92 11.93
CA SER A 195 -3.94 -34.23 11.35
C SER A 195 -4.29 -34.82 9.99
N PRO A 196 -5.58 -34.88 9.64
CA PRO A 196 -5.95 -35.26 8.28
C PRO A 196 -5.28 -34.37 7.26
N ALA A 197 -5.01 -34.94 6.09
CA ALA A 197 -4.20 -34.28 5.07
C ALA A 197 -4.87 -33.03 4.51
N ASP A 198 -6.20 -32.91 4.60
CA ASP A 198 -6.90 -31.78 4.00
C ASP A 198 -7.11 -30.61 4.95
N ARG A 199 -6.40 -30.60 6.08
CA ARG A 199 -6.52 -29.52 7.05
C ARG A 199 -5.25 -28.68 7.06
N PHE A 200 -5.43 -27.37 7.13
CA PHE A 200 -4.34 -26.43 7.35
C PHE A 200 -4.37 -26.05 8.84
N ASN A 201 -3.30 -26.35 9.56
CA ASN A 201 -3.27 -26.20 11.02
C ASN A 201 -2.50 -24.96 11.43
N MET A 202 -3.02 -24.24 12.42
CA MET A 202 -2.31 -23.15 13.07
C MET A 202 -2.42 -23.30 14.59
N LEU A 203 -1.51 -22.65 15.30
CA LEU A 203 -1.49 -22.69 16.75
CA LEU A 203 -1.53 -22.68 16.76
C LEU A 203 -1.26 -21.28 17.30
N ALA A 204 -1.87 -20.96 18.43
CA ALA A 204 -1.54 -19.73 19.16
C ALA A 204 -1.23 -20.13 20.58
N VAL A 205 -0.03 -19.80 21.06
CA VAL A 205 0.42 -20.26 22.36
C VAL A 205 0.89 -19.06 23.17
N THR A 206 0.41 -18.95 24.39
CA THR A 206 0.96 -18.01 25.37
C THR A 206 1.45 -18.84 26.55
N GLU A 207 1.92 -18.15 27.60
CA GLU A 207 2.42 -18.89 28.76
C GLU A 207 1.31 -19.71 29.42
N THR A 208 0.06 -19.26 29.32
CA THR A 208 -1.06 -19.92 29.98
C THR A 208 -2.16 -20.45 29.06
N GLU A 209 -2.15 -20.08 27.77
CA GLU A 209 -3.16 -20.52 26.83
C GLU A 209 -2.49 -21.26 25.68
N ALA A 210 -3.25 -22.15 25.03
CA ALA A 210 -2.82 -22.74 23.76
C ALA A 210 -4.06 -23.08 22.96
N TRP A 211 -4.12 -22.62 21.72
CA TRP A 211 -5.29 -22.81 20.86
C TRP A 211 -4.83 -23.46 19.57
N ILE A 212 -5.57 -24.49 19.14
CA ILE A 212 -5.42 -25.07 17.81
C ILE A 212 -6.53 -24.52 16.93
N GLY A 213 -6.19 -24.21 15.69
CA GLY A 213 -7.18 -23.86 14.69
C GLY A 213 -6.91 -24.60 13.40
N GLN A 214 -7.99 -24.87 12.67
CA GLN A 214 -7.88 -25.50 11.36
C GLN A 214 -8.79 -24.83 10.36
N ARG A 215 -8.31 -24.72 9.12
CA ARG A 215 -9.12 -24.32 7.98
C ARG A 215 -8.84 -25.30 6.85
N PRO A 216 -9.72 -25.36 5.84
CA PRO A 216 -9.47 -26.27 4.72
C PRO A 216 -8.13 -25.99 4.06
N LEU A 217 -7.42 -27.07 3.74
CA LEU A 217 -6.18 -26.99 2.97
C LEU A 217 -6.53 -27.06 1.49
N TYR A 218 -6.09 -26.05 0.73
CA TYR A 218 -6.31 -26.01 -0.71
C TYR A 218 -5.02 -26.41 -1.41
N ALA A 219 -5.15 -27.33 -2.37
CA ALA A 219 -4.01 -27.81 -3.14
C ALA A 219 -3.79 -26.90 -4.33
N PHE A 220 -2.64 -26.25 -4.37
CA PHE A 220 -2.33 -25.43 -5.52
C PHE A 220 -1.23 -26.09 -6.35
N PRO A 221 -1.28 -25.97 -7.67
CA PRO A 221 -0.11 -26.35 -8.48
C PRO A 221 1.18 -25.70 -7.98
N ARG A 222 1.12 -24.40 -7.67
CA ARG A 222 2.17 -23.70 -6.96
C ARG A 222 1.52 -22.91 -5.85
N HIS A 223 2.01 -23.11 -4.61
CA HIS A 223 1.37 -22.50 -3.45
C HIS A 223 1.60 -20.99 -3.45
N PRO A 224 0.56 -20.18 -3.21
CA PRO A 224 0.74 -18.72 -3.27
C PRO A 224 1.74 -18.23 -2.25
N VAL A 225 2.61 -17.35 -2.70
CA VAL A 225 3.51 -16.63 -1.82
C VAL A 225 2.70 -15.59 -1.07
N GLY A 226 3.13 -15.25 0.12
CA GLY A 226 2.50 -14.19 0.87
C GLY A 226 1.45 -14.61 1.87
N VAL A 227 1.09 -15.91 1.92
CA VAL A 227 0.08 -16.33 2.90
C VAL A 227 0.59 -16.12 4.32
N GLY A 228 1.87 -16.42 4.57
CA GLY A 228 2.44 -16.20 5.89
C GLY A 228 2.47 -14.72 6.27
N ASP A 229 2.86 -13.86 5.32
CA ASP A 229 2.90 -12.42 5.59
C ASP A 229 1.49 -11.90 5.88
N LEU A 230 0.51 -12.36 5.11
CA LEU A 230 -0.88 -11.97 5.33
C LEU A 230 -1.35 -12.43 6.71
N THR A 231 -1.01 -13.65 7.09
CA THR A 231 -1.44 -14.19 8.37
C THR A 231 -0.91 -13.35 9.53
N SER A 232 0.39 -13.06 9.52
CA SER A 232 0.96 -12.26 10.61
C SER A 232 0.32 -10.88 10.67
N ALA A 233 0.07 -10.27 9.50
CA ALA A 233 -0.44 -8.91 9.46
C ALA A 233 -1.85 -8.84 10.03
N ILE A 234 -2.72 -9.78 9.65
CA ILE A 234 -4.08 -9.74 10.16
C ILE A 234 -4.09 -9.94 11.66
N PHE A 235 -3.28 -10.88 12.16
CA PHE A 235 -3.20 -11.10 13.61
C PHE A 235 -2.76 -9.84 14.34
N VAL A 236 -1.73 -9.17 13.84
CA VAL A 236 -1.26 -7.92 14.46
C VAL A 236 -2.37 -6.87 14.48
N ALA A 237 -3.04 -6.69 13.33
CA ALA A 237 -4.09 -5.67 13.27
C ALA A 237 -5.22 -5.99 14.24
N ARG A 238 -5.63 -7.26 14.33
CA ARG A 238 -6.71 -7.60 15.23
C ARG A 238 -6.32 -7.38 16.68
N ARG A 239 -5.08 -7.70 17.06
CA ARG A 239 -4.61 -7.40 18.40
C ARG A 239 -4.65 -5.89 18.65
N LEU A 240 -4.21 -5.09 17.67
CA LEU A 240 -4.24 -3.64 17.85
C LEU A 240 -5.67 -3.11 17.98
N ARG A 241 -6.64 -3.80 17.36
CA ARG A 241 -8.05 -3.44 17.49
C ARG A 241 -8.65 -3.91 18.80
N GLY A 242 -7.88 -4.58 19.65
CA GLY A 242 -8.33 -4.95 20.97
C GLY A 242 -8.75 -6.40 21.14
N ASP A 243 -8.57 -7.24 20.13
CA ASP A 243 -9.01 -8.62 20.23
C ASP A 243 -8.18 -9.39 21.27
N SER A 244 -8.84 -10.31 21.98
CA SER A 244 -8.12 -11.30 22.76
C SER A 244 -7.28 -12.18 21.85
N VAL A 245 -6.39 -12.98 22.45
CA VAL A 245 -5.58 -13.89 21.66
C VAL A 245 -6.46 -14.84 20.85
N ARG A 246 -7.46 -15.43 21.49
CA ARG A 246 -8.33 -16.38 20.77
C ARG A 246 -9.09 -15.69 19.65
N ALA A 247 -9.65 -14.50 19.90
CA ALA A 247 -10.43 -13.81 18.88
C ALA A 247 -9.55 -13.37 17.72
N ALA A 248 -8.35 -12.85 18.01
CA ALA A 248 -7.46 -12.46 16.93
C ALA A 248 -7.05 -13.67 16.11
N PHE A 249 -6.79 -14.79 16.79
CA PHE A 249 -6.44 -16.04 16.14
C PHE A 249 -7.57 -16.51 15.22
N GLU A 250 -8.80 -16.55 15.74
CA GLU A 250 -9.92 -17.01 14.93
C GLU A 250 -10.21 -16.07 13.76
N HIS A 251 -10.08 -14.76 13.96
CA HIS A 251 -10.29 -13.85 12.84
C HIS A 251 -9.23 -14.05 11.76
N THR A 252 -7.98 -14.23 12.19
CA THR A 252 -6.90 -14.47 11.23
C THR A 252 -7.18 -15.75 10.44
N LEU A 253 -7.52 -16.82 11.14
CA LEU A 253 -7.78 -18.10 10.46
C LEU A 253 -8.89 -17.94 9.43
N ALA A 254 -9.98 -17.25 9.81
CA ALA A 254 -11.14 -17.13 8.93
C ALA A 254 -10.87 -16.18 7.76
N ALA A 255 -10.15 -15.07 8.02
CA ALA A 255 -9.84 -14.13 6.94
C ALA A 255 -8.87 -14.73 5.94
N VAL A 256 -7.83 -15.43 6.43
CA VAL A 256 -6.87 -16.05 5.52
C VAL A 256 -7.56 -17.13 4.69
N HIS A 257 -8.44 -17.91 5.32
CA HIS A 257 -9.22 -18.88 4.56
C HIS A 257 -9.95 -18.22 3.39
N ALA A 258 -10.63 -17.11 3.66
CA ALA A 258 -11.40 -16.45 2.61
C ALA A 258 -10.50 -16.01 1.45
N VAL A 259 -9.31 -15.49 1.77
CA VAL A 259 -8.40 -15.03 0.73
C VAL A 259 -7.86 -16.21 -0.06
N VAL A 260 -7.42 -17.25 0.64
CA VAL A 260 -6.86 -18.41 -0.04
C VAL A 260 -7.91 -19.10 -0.89
N LYS A 261 -9.13 -19.29 -0.34
CA LYS A 261 -10.21 -19.89 -1.12
C LYS A 261 -10.48 -19.08 -2.38
N ALA A 262 -10.55 -17.75 -2.26
CA ALA A 262 -10.79 -16.91 -3.42
C ALA A 262 -9.69 -17.08 -4.47
N THR A 263 -8.44 -17.19 -4.02
CA THR A 263 -7.31 -17.42 -4.92
C THR A 263 -7.43 -18.76 -5.63
N TYR A 264 -7.78 -19.80 -4.89
CA TYR A 264 -7.95 -21.13 -5.46
C TYR A 264 -9.10 -21.16 -6.46
N ASP A 265 -10.25 -20.59 -6.07
CA ASP A 265 -11.41 -20.61 -6.95
C ASP A 265 -11.17 -19.83 -8.24
N ALA A 266 -10.30 -18.83 -8.18
CA ALA A 266 -9.97 -18.01 -9.35
C ALA A 266 -8.84 -18.62 -10.17
N ARG A 267 -8.27 -19.75 -9.72
CA ARG A 267 -7.17 -20.42 -10.42
C ARG A 267 -5.96 -19.50 -10.55
N ARG A 268 -5.68 -18.73 -9.51
CA ARG A 268 -4.59 -17.77 -9.53
C ARG A 268 -3.45 -18.22 -8.63
N TYR A 269 -2.28 -17.65 -8.88
CA TYR A 269 -1.08 -17.85 -8.09
C TYR A 269 -0.86 -16.71 -7.09
N GLU A 270 -1.07 -15.47 -7.50
CA GLU A 270 -1.02 -14.35 -6.58
C GLU A 270 -2.33 -14.28 -5.80
N LEU A 271 -2.22 -13.93 -4.51
CA LEU A 271 -3.40 -13.89 -3.65
C LEU A 271 -4.45 -12.92 -4.19
N GLU A 272 -5.71 -13.31 -4.06
CA GLU A 272 -6.85 -12.47 -4.45
C GLU A 272 -7.18 -11.51 -3.30
N LEU A 273 -6.18 -10.73 -2.93
CA LEU A 273 -6.24 -9.91 -1.73
C LEU A 273 -7.31 -8.82 -1.84
N ILE A 274 -7.29 -8.07 -2.95
CA ILE A 274 -8.22 -6.96 -3.09
C ILE A 274 -9.63 -7.48 -3.33
N ALA A 275 -9.77 -8.55 -4.12
CA ALA A 275 -11.09 -9.12 -4.40
C ALA A 275 -11.77 -9.59 -3.11
N ALA A 276 -10.98 -10.11 -2.16
CA ALA A 276 -11.52 -10.69 -0.93
C ALA A 276 -11.53 -9.70 0.23
N GLN A 277 -11.37 -8.41 -0.03
CA GLN A 277 -11.12 -7.47 1.06
C GLN A 277 -12.26 -7.40 2.06
N ASP A 278 -13.51 -7.54 1.62
CA ASP A 278 -14.61 -7.47 2.58
C ASP A 278 -14.59 -8.65 3.53
N GLU A 279 -14.10 -9.81 3.07
CA GLU A 279 -13.96 -10.98 3.92
C GLU A 279 -12.78 -10.86 4.86
N ILE A 280 -11.75 -10.10 4.49
CA ILE A 280 -10.70 -9.77 5.45
C ILE A 280 -11.29 -9.00 6.63
N ALA A 281 -12.09 -7.98 6.32
CA ALA A 281 -12.67 -7.15 7.37
C ALA A 281 -13.72 -7.91 8.18
N ARG A 282 -14.57 -8.69 7.50
CA ARG A 282 -15.68 -9.39 8.16
C ARG A 282 -15.85 -10.76 7.52
N PRO A 283 -15.10 -11.77 8.00
CA PRO A 283 -15.22 -13.11 7.42
C PRO A 283 -16.62 -13.67 7.55
N SER A 284 -17.07 -14.37 6.50
CA SER A 284 -18.41 -14.97 6.49
C SER A 284 -18.44 -16.36 7.08
N GLU A 285 -17.37 -17.12 6.93
CA GLU A 285 -17.28 -18.48 7.46
C GLU A 285 -16.26 -18.49 8.59
N TRP A 286 -16.63 -19.09 9.72
CA TRP A 286 -15.79 -19.08 10.90
CA TRP A 286 -15.81 -19.07 10.92
C TRP A 286 -15.39 -20.49 11.28
N PHE A 287 -14.18 -20.60 11.84
CA PHE A 287 -13.57 -21.86 12.29
C PHE A 287 -13.14 -21.69 13.74
N GLY A 288 -14.03 -22.03 14.66
CA GLY A 288 -13.70 -21.91 16.08
C GLY A 288 -12.47 -22.72 16.45
N ALA A 289 -11.62 -22.13 17.28
CA ALA A 289 -10.44 -22.82 17.79
C ALA A 289 -10.81 -23.68 19.01
N TRP A 290 -9.88 -24.54 19.41
CA TRP A 290 -10.07 -25.35 20.61
C TRP A 290 -8.78 -25.43 21.42
N VAL A 291 -8.94 -25.76 22.70
CA VAL A 291 -7.84 -25.73 23.64
CA VAL A 291 -7.85 -25.74 23.66
C VAL A 291 -6.94 -26.95 23.45
N THR A 292 -5.64 -26.74 23.63
CA THR A 292 -4.67 -27.82 23.66
C THR A 292 -3.67 -27.50 24.78
N ASP A 293 -2.67 -28.35 24.93
CA ASP A 293 -1.67 -28.16 25.99
C ASP A 293 -0.44 -28.99 25.67
N VAL A 294 0.58 -28.84 26.51
CA VAL A 294 1.78 -29.68 26.44
C VAL A 294 1.49 -31.12 26.83
N HIS B 8 -13.66 -9.82 -12.86
CA HIS B 8 -12.96 -8.94 -13.78
C HIS B 8 -12.16 -7.85 -13.06
N MET B 9 -11.13 -8.27 -12.32
CA MET B 9 -10.32 -7.34 -11.54
C MET B 9 -9.37 -6.58 -12.44
N LYS B 10 -9.30 -5.26 -12.27
CA LYS B 10 -8.40 -4.43 -13.05
C LYS B 10 -7.13 -4.14 -12.26
N ASN B 11 -6.05 -3.86 -12.99
CA ASN B 11 -4.73 -3.61 -12.41
C ASN B 11 -4.19 -2.28 -12.91
N VAL B 12 -3.75 -1.43 -11.99
CA VAL B 12 -3.12 -0.16 -12.33
C VAL B 12 -1.69 -0.15 -11.79
N LEU B 13 -0.74 0.21 -12.65
CA LEU B 13 0.65 0.44 -12.25
C LEU B 13 0.77 1.91 -11.86
N SER B 14 1.06 2.18 -10.59
CA SER B 14 1.08 3.54 -10.07
C SER B 14 2.52 3.92 -9.75
N ILE B 15 3.05 4.90 -10.48
CA ILE B 15 4.45 5.26 -10.44
C ILE B 15 4.57 6.61 -9.73
N GLN B 16 4.83 6.58 -8.42
CA GLN B 16 4.86 7.80 -7.62
C GLN B 16 5.77 7.60 -6.41
N SER B 17 5.94 8.67 -5.64
CA SER B 17 6.75 8.60 -4.44
CA SER B 17 6.74 8.62 -4.43
C SER B 17 6.04 7.76 -3.37
N HIS B 18 6.83 7.16 -2.49
CA HIS B 18 6.30 6.49 -1.31
C HIS B 18 6.73 7.31 -0.11
N VAL B 19 5.80 7.56 0.81
CA VAL B 19 6.13 8.21 2.07
CA VAL B 19 6.07 8.25 2.07
C VAL B 19 5.73 7.29 3.21
N ILE B 20 6.69 7.04 4.10
CA ILE B 20 6.49 6.03 5.16
C ILE B 20 5.42 6.50 6.13
N TYR B 21 5.61 7.69 6.71
CA TYR B 21 4.64 8.30 7.59
C TYR B 21 3.79 9.29 6.79
N GLY B 22 2.48 9.20 6.93
CA GLY B 22 1.60 10.14 6.25
C GLY B 22 1.24 9.77 4.84
N HIS B 23 0.61 10.71 4.13
CA HIS B 23 -0.07 10.39 2.87
C HIS B 23 0.25 11.40 1.77
N ALA B 24 1.02 10.94 0.79
CA ALA B 24 1.33 11.68 -0.42
C ALA B 24 1.81 10.67 -1.44
N GLY B 25 1.68 11.01 -2.71
CA GLY B 25 2.10 10.09 -3.76
C GLY B 25 1.39 8.75 -3.62
N ASN B 26 2.16 7.67 -3.71
CA ASN B 26 1.57 6.34 -3.57
C ASN B 26 0.95 6.12 -2.20
N SER B 27 1.45 6.80 -1.17
CA SER B 27 0.84 6.68 0.15
CA SER B 27 0.82 6.65 0.14
C SER B 27 -0.51 7.39 0.25
N ALA B 28 -0.89 8.16 -0.77
CA ALA B 28 -2.22 8.70 -0.85
C ALA B 28 -3.08 8.03 -1.91
N ALA B 29 -2.44 7.37 -2.89
CA ALA B 29 -3.14 6.84 -4.07
C ALA B 29 -3.43 5.35 -3.99
N VAL B 30 -2.49 4.56 -3.45
CA VAL B 30 -2.61 3.11 -3.55
C VAL B 30 -3.80 2.60 -2.75
N PHE B 31 -3.85 2.94 -1.46
CA PHE B 31 -4.94 2.42 -0.62
C PHE B 31 -6.32 2.80 -1.14
N PRO B 32 -6.59 4.06 -1.51
CA PRO B 32 -7.95 4.36 -2.00
C PRO B 32 -8.33 3.55 -3.23
N MET B 33 -7.40 3.35 -4.17
CA MET B 33 -7.74 2.56 -5.36
C MET B 33 -8.03 1.11 -4.98
N GLN B 34 -7.21 0.53 -4.09
CA GLN B 34 -7.46 -0.81 -3.61
C GLN B 34 -8.80 -0.91 -2.90
N ARG B 35 -9.10 0.09 -2.05
CA ARG B 35 -10.36 0.08 -1.30
C ARG B 35 -11.55 0.13 -2.24
N LEU B 36 -11.38 0.74 -3.41
CA LEU B 36 -12.41 0.84 -4.44
C LEU B 36 -12.44 -0.39 -5.35
N GLY B 37 -11.68 -1.43 -5.04
CA GLY B 37 -11.78 -2.67 -5.79
C GLY B 37 -10.89 -2.78 -7.00
N VAL B 38 -9.80 -2.01 -7.07
CA VAL B 38 -8.84 -2.04 -8.16
C VAL B 38 -7.50 -2.48 -7.61
N ASN B 39 -6.84 -3.43 -8.27
CA ASN B 39 -5.53 -3.85 -7.84
CA ASN B 39 -5.52 -3.87 -7.87
C ASN B 39 -4.50 -2.82 -8.26
N VAL B 40 -3.52 -2.57 -7.39
CA VAL B 40 -2.49 -1.57 -7.64
C VAL B 40 -1.12 -2.22 -7.57
N TRP B 41 -0.30 -1.98 -8.59
CA TRP B 41 1.10 -2.36 -8.57
C TRP B 41 1.87 -1.09 -8.29
N PRO B 42 2.37 -0.89 -7.07
CA PRO B 42 3.04 0.39 -6.78
C PRO B 42 4.51 0.34 -7.10
N LEU B 43 4.94 1.19 -8.03
CA LEU B 43 6.35 1.39 -8.32
CA LEU B 43 6.35 1.39 -8.32
C LEU B 43 6.73 2.68 -7.61
N ASN B 44 7.52 2.56 -6.54
CA ASN B 44 7.88 3.70 -5.71
C ASN B 44 9.17 4.33 -6.23
N THR B 45 9.08 5.57 -6.70
CA THR B 45 10.24 6.24 -7.28
C THR B 45 11.21 6.72 -6.21
N VAL B 46 10.70 7.04 -5.02
CA VAL B 46 11.51 7.39 -3.87
C VAL B 46 10.79 6.85 -2.65
N GLN B 47 11.52 6.76 -1.54
CA GLN B 47 10.93 6.44 -0.24
C GLN B 47 11.35 7.54 0.72
N LEU B 48 10.39 8.35 1.16
CA LEU B 48 10.65 9.45 2.07
C LEU B 48 10.14 9.09 3.46
N SER B 49 10.80 9.61 4.50
CA SER B 49 10.30 9.40 5.85
C SER B 49 8.94 10.06 6.04
N ASN B 50 8.75 11.20 5.39
CA ASN B 50 7.57 12.04 5.56
C ASN B 50 7.62 13.06 4.42
N HIS B 51 6.51 13.75 4.22
CA HIS B 51 6.52 14.61 3.05
C HIS B 51 7.38 15.86 3.29
N MET B 52 7.76 16.50 2.19
CA MET B 52 8.77 17.55 2.28
C MET B 52 8.25 18.83 2.94
N GLN B 53 6.93 19.00 3.04
CA GLN B 53 6.37 20.23 3.60
C GLN B 53 6.61 20.35 5.11
N TYR B 54 7.02 19.28 5.79
CA TYR B 54 7.42 19.41 7.19
C TYR B 54 8.68 20.23 7.36
N GLY B 55 9.47 20.41 6.30
CA GLY B 55 10.69 21.17 6.36
C GLY B 55 11.95 20.32 6.47
N HIS B 56 11.84 19.15 7.08
CA HIS B 56 12.94 18.20 7.08
C HIS B 56 12.40 16.80 6.82
N TRP B 57 13.25 15.98 6.22
CA TRP B 57 12.85 14.63 5.84
C TRP B 57 14.11 13.86 5.48
N ALA B 58 13.98 12.54 5.47
CA ALA B 58 15.03 11.67 4.95
C ALA B 58 14.45 10.91 3.76
N GLY B 59 15.31 10.44 2.88
CA GLY B 59 14.81 9.75 1.71
C GLY B 59 15.83 8.85 1.06
N SER B 60 15.32 7.81 0.39
CA SER B 60 16.08 7.01 -0.55
C SER B 60 15.42 7.15 -1.91
N ALA B 61 16.16 6.82 -2.97
CA ALA B 61 15.59 7.01 -4.29
C ALA B 61 16.15 5.97 -5.24
N ILE B 62 15.40 5.70 -6.31
CA ILE B 62 15.90 4.90 -7.42
C ILE B 62 16.06 5.81 -8.63
N ASP B 63 16.90 5.40 -9.57
CA ASP B 63 17.10 6.23 -10.75
C ASP B 63 16.21 5.75 -11.89
N ALA B 64 16.25 6.49 -13.00
CA ALA B 64 15.42 6.17 -14.15
C ALA B 64 15.71 4.76 -14.66
N ALA B 65 16.99 4.37 -14.72
CA ALA B 65 17.33 3.04 -15.21
C ALA B 65 16.72 1.95 -14.34
N LYS B 66 16.72 2.14 -13.02
CA LYS B 66 16.16 1.13 -12.14
C LYS B 66 14.64 1.03 -12.30
N MET B 67 13.97 2.17 -12.53
CA MET B 67 12.54 2.13 -12.81
C MET B 67 12.23 1.23 -14.01
N GLU B 68 12.97 1.41 -15.10
CA GLU B 68 12.74 0.58 -16.28
C GLU B 68 13.10 -0.88 -16.02
N GLN B 69 14.16 -1.12 -15.24
CA GLN B 69 14.57 -2.49 -14.94
C GLN B 69 13.53 -3.21 -14.10
N LEU B 70 12.90 -2.51 -13.15
CA LEU B 70 11.85 -3.11 -12.35
C LEU B 70 10.66 -3.51 -13.20
N VAL B 71 10.24 -2.65 -14.12
CA VAL B 71 9.13 -3.00 -15.01
C VAL B 71 9.54 -4.13 -15.96
N ASP B 72 10.80 -4.13 -16.40
CA ASP B 72 11.31 -5.25 -17.19
C ASP B 72 11.14 -6.57 -16.46
N GLY B 73 11.29 -6.55 -15.13
CA GLY B 73 11.10 -7.77 -14.36
C GLY B 73 9.66 -8.26 -14.40
N ILE B 74 8.70 -7.33 -14.30
CA ILE B 74 7.29 -7.70 -14.46
C ILE B 74 7.03 -8.23 -15.85
N ALA B 75 7.62 -7.60 -16.86
CA ALA B 75 7.44 -8.08 -18.23
C ALA B 75 8.02 -9.47 -18.40
N ALA B 76 9.15 -9.76 -17.73
CA ALA B 76 9.85 -11.02 -17.93
C ALA B 76 9.05 -12.22 -17.41
N ILE B 77 8.17 -12.02 -16.43
CA ILE B 77 7.34 -13.12 -15.94
C ILE B 77 6.01 -13.15 -16.69
N GLY B 78 5.89 -12.30 -17.71
CA GLY B 78 4.70 -12.30 -18.55
C GLY B 78 3.49 -11.61 -17.98
N ALA B 79 3.66 -10.80 -16.95
CA ALA B 79 2.54 -10.20 -16.25
C ALA B 79 2.13 -8.83 -16.80
N LEU B 80 2.96 -8.22 -17.65
CA LEU B 80 2.70 -6.85 -18.04
C LEU B 80 1.42 -6.73 -18.87
N LYS B 81 1.05 -7.80 -19.60
CA LYS B 81 -0.19 -7.78 -20.36
C LYS B 81 -1.42 -7.65 -19.46
N ARG B 82 -1.27 -7.90 -18.16
CA ARG B 82 -2.39 -7.77 -17.23
C ARG B 82 -2.55 -6.35 -16.72
N CYS B 83 -1.65 -5.45 -17.08
CA CYS B 83 -1.75 -4.05 -16.66
C CYS B 83 -2.81 -3.34 -17.49
N ASP B 84 -3.82 -2.78 -16.82
CA ASP B 84 -4.91 -2.09 -17.50
C ASP B 84 -4.73 -0.59 -17.57
N ALA B 85 -3.88 -0.02 -16.72
CA ALA B 85 -3.66 1.42 -16.73
C ALA B 85 -2.35 1.71 -16.04
N VAL B 86 -1.75 2.84 -16.41
CA VAL B 86 -0.59 3.39 -15.74
C VAL B 86 -0.98 4.77 -15.22
N LEU B 87 -0.64 5.05 -13.97
CA LEU B 87 -0.90 6.33 -13.34
C LEU B 87 0.43 6.90 -12.88
N SER B 88 0.72 8.14 -13.28
CA SER B 88 1.95 8.81 -12.85
C SER B 88 1.58 10.14 -12.23
N GLY B 89 2.50 10.64 -11.40
CA GLY B 89 2.34 11.92 -10.75
C GLY B 89 3.61 12.76 -10.78
N PHE B 90 4.08 13.16 -9.61
CA PHE B 90 5.25 14.02 -9.52
C PHE B 90 6.49 13.32 -10.07
N ALA B 91 7.28 14.08 -10.84
CA ALA B 91 8.57 13.62 -11.37
C ALA B 91 9.65 14.60 -10.95
N GLY B 92 10.71 14.09 -10.32
CA GLY B 92 11.75 14.95 -9.82
C GLY B 92 12.78 15.38 -10.84
N SER B 93 12.83 14.73 -12.00
CA SER B 93 13.84 15.00 -12.99
C SER B 93 13.27 14.69 -14.37
N PRO B 94 13.77 15.34 -15.41
CA PRO B 94 13.37 14.93 -16.76
C PRO B 94 13.63 13.46 -17.06
N ALA B 95 14.74 12.90 -16.54
CA ALA B 95 15.03 11.49 -16.80
C ALA B 95 13.95 10.58 -16.23
N GLN B 96 13.45 10.89 -15.03
CA GLN B 96 12.37 10.08 -14.46
C GLN B 96 11.11 10.17 -15.30
N ALA B 97 10.76 11.38 -15.77
CA ALA B 97 9.60 11.53 -16.63
C ALA B 97 9.77 10.73 -17.92
N ARG B 98 10.98 10.69 -18.47
CA ARG B 98 11.19 9.93 -19.68
CA ARG B 98 11.24 9.93 -19.68
C ARG B 98 11.15 8.43 -19.42
N ALA B 99 11.62 7.97 -18.25
CA ALA B 99 11.48 6.57 -17.89
C ALA B 99 10.01 6.18 -17.78
N THR B 100 9.19 7.05 -17.20
CA THR B 100 7.76 6.77 -17.12
C THR B 100 7.16 6.60 -18.51
N VAL B 101 7.54 7.47 -19.45
CA VAL B 101 7.08 7.34 -20.84
C VAL B 101 7.48 6.00 -21.43
N GLU B 102 8.72 5.56 -21.17
CA GLU B 102 9.15 4.27 -21.71
C GLU B 102 8.36 3.13 -21.10
N ILE B 103 8.05 3.25 -19.80
CA ILE B 103 7.25 2.22 -19.14
C ILE B 103 5.86 2.14 -19.76
N VAL B 104 5.25 3.30 -20.03
CA VAL B 104 3.93 3.32 -20.67
C VAL B 104 3.99 2.63 -22.03
N ARG B 105 5.05 2.90 -22.79
CA ARG B 105 5.19 2.26 -24.10
C ARG B 105 5.31 0.75 -23.95
N ALA B 106 6.07 0.30 -22.95
CA ALA B 106 6.24 -1.14 -22.73
C ALA B 106 4.93 -1.79 -22.32
N VAL B 107 4.14 -1.11 -21.46
CA VAL B 107 2.84 -1.64 -21.06
C VAL B 107 1.91 -1.73 -22.27
N LYS B 108 1.83 -0.66 -23.06
CA LYS B 108 0.90 -0.65 -24.19
C LYS B 108 1.30 -1.67 -25.26
N ALA B 109 2.59 -2.02 -25.34
CA ALA B 109 2.96 -3.08 -26.27
C ALA B 109 2.37 -4.42 -25.84
N MET B 110 2.32 -4.68 -24.54
CA MET B 110 1.79 -5.94 -24.03
C MET B 110 0.28 -5.93 -23.89
N ASN B 111 -0.31 -4.76 -23.70
CA ASN B 111 -1.76 -4.61 -23.63
C ASN B 111 -2.14 -3.34 -24.38
N PRO B 112 -2.52 -3.45 -25.65
CA PRO B 112 -2.90 -2.24 -26.41
C PRO B 112 -4.12 -1.52 -25.88
N ASN B 113 -4.90 -2.13 -24.99
CA ASN B 113 -6.05 -1.48 -24.37
C ASN B 113 -5.69 -0.69 -23.13
N ALA B 114 -4.47 -0.83 -22.62
CA ALA B 114 -4.09 -0.09 -21.41
C ALA B 114 -4.10 1.41 -21.70
N TRP B 115 -4.45 2.19 -20.70
CA TRP B 115 -4.39 3.64 -20.84
C TRP B 115 -3.51 4.29 -19.79
N TYR B 116 -3.00 5.47 -20.13
CA TYR B 116 -2.04 6.19 -19.31
C TYR B 116 -2.72 7.44 -18.79
N PHE B 117 -2.78 7.58 -17.46
CA PHE B 117 -3.34 8.75 -16.81
C PHE B 117 -2.22 9.52 -16.14
N CYS B 118 -2.01 10.76 -16.59
CA CYS B 118 -0.93 11.60 -16.09
C CYS B 118 -1.50 12.68 -15.18
N ASP B 119 -1.10 12.66 -13.91
CA ASP B 119 -1.32 13.82 -13.04
C ASP B 119 -0.09 14.71 -13.17
N PRO B 120 -0.20 15.92 -13.74
CA PRO B 120 1.01 16.73 -13.95
C PRO B 120 1.80 17.03 -12.67
N ALA B 121 1.13 17.23 -11.55
CA ALA B 121 1.76 17.33 -10.23
C ALA B 121 2.99 18.22 -10.24
N MET B 122 2.80 19.46 -10.71
CA MET B 122 3.90 20.41 -10.77
C MET B 122 4.22 21.04 -9.42
N GLY B 123 3.36 20.88 -8.42
CA GLY B 123 3.66 21.42 -7.12
C GLY B 123 3.46 22.93 -7.07
N GLN B 124 4.21 23.58 -6.18
CA GLN B 124 4.15 25.03 -6.04
C GLN B 124 4.80 25.67 -7.25
N THR B 125 4.00 26.30 -8.10
CA THR B 125 4.50 26.93 -9.31
C THR B 125 3.52 28.02 -9.71
N GLY B 126 3.86 28.74 -10.77
CA GLY B 126 3.01 29.82 -11.25
C GLY B 126 3.46 30.22 -12.62
N GLY B 127 2.67 31.10 -13.23
CA GLY B 127 2.97 31.60 -14.56
C GLY B 127 2.39 30.73 -15.66
N ILE B 128 2.27 31.33 -16.83
CA ILE B 128 1.80 30.58 -18.00
C ILE B 128 2.93 29.77 -18.61
N ARG B 129 4.13 30.34 -18.67
CA ARG B 129 5.29 29.66 -19.24
CA ARG B 129 5.25 29.64 -19.26
C ARG B 129 5.61 28.42 -18.42
N PRO B 130 5.83 27.26 -19.04
CA PRO B 130 6.37 26.12 -18.28
C PRO B 130 7.83 26.38 -17.97
N GLU B 131 8.24 26.00 -16.77
CA GLU B 131 9.66 26.06 -16.43
C GLU B 131 10.42 25.07 -17.31
N PRO B 132 11.64 25.40 -17.73
CA PRO B 132 12.45 24.42 -18.46
C PRO B 132 12.60 23.13 -17.67
N GLY B 133 12.67 22.02 -18.40
CA GLY B 133 12.82 20.73 -17.76
C GLY B 133 11.51 19.99 -17.63
N VAL B 134 11.13 19.63 -16.40
CA VAL B 134 9.98 18.75 -16.22
C VAL B 134 8.68 19.43 -16.67
N GLU B 135 8.47 20.69 -16.27
CA GLU B 135 7.22 21.35 -16.66
C GLU B 135 7.11 21.43 -18.17
N GLU B 136 8.20 21.81 -18.82
CA GLU B 136 8.24 21.87 -20.27
C GLU B 136 7.91 20.52 -20.91
N PHE B 137 8.46 19.44 -20.36
CA PHE B 137 8.17 18.11 -20.89
C PHE B 137 6.69 17.77 -20.74
N ILE B 138 6.10 18.07 -19.59
CA ILE B 138 4.67 17.82 -19.39
C ILE B 138 3.85 18.58 -20.41
N VAL B 139 4.19 19.84 -20.65
CA VAL B 139 3.39 20.66 -21.55
C VAL B 139 3.60 20.24 -23.01
N ASN B 140 4.84 19.94 -23.38
CA ASN B 140 5.15 19.76 -24.80
C ASN B 140 5.01 18.32 -25.28
N GLU B 141 5.35 17.34 -24.44
CA GLU B 141 5.46 15.96 -24.89
C GLU B 141 4.41 15.05 -24.29
N MET B 142 3.92 15.34 -23.10
CA MET B 142 3.00 14.47 -22.39
C MET B 142 1.63 14.33 -23.07
N PRO B 143 1.01 15.40 -23.56
CA PRO B 143 -0.35 15.24 -24.12
C PRO B 143 -0.44 14.22 -25.24
N ALA B 144 0.59 14.11 -26.09
CA ALA B 144 0.53 13.13 -27.16
C ALA B 144 0.57 11.70 -26.65
N LEU B 145 1.02 11.49 -25.40
CA LEU B 145 1.16 10.16 -24.84
C LEU B 145 0.10 9.80 -23.81
N ALA B 146 -0.51 10.79 -23.17
CA ALA B 146 -1.46 10.52 -22.09
C ALA B 146 -2.87 10.35 -22.65
N ASP B 147 -3.58 9.36 -22.12
CA ASP B 147 -4.99 9.18 -22.42
C ASP B 147 -5.90 9.97 -21.51
N GLY B 148 -5.44 10.30 -20.30
CA GLY B 148 -6.15 11.23 -19.44
C GLY B 148 -5.13 12.04 -18.68
N MET B 149 -5.53 13.25 -18.30
CA MET B 149 -4.68 14.11 -17.49
C MET B 149 -5.52 14.79 -16.42
N SER B 150 -4.91 15.06 -15.27
CA SER B 150 -5.60 15.71 -14.16
C SER B 150 -4.91 16.99 -13.69
N PRO B 151 -4.75 17.99 -14.56
CA PRO B 151 -4.13 19.25 -14.13
C PRO B 151 -4.99 19.98 -13.10
N ASN B 152 -4.32 20.68 -12.18
CA ASN B 152 -5.02 21.73 -11.44
C ASN B 152 -5.09 22.97 -12.34
N HIS B 153 -5.59 24.07 -11.78
CA HIS B 153 -5.80 25.26 -12.59
C HIS B 153 -4.49 25.81 -13.14
N THR B 154 -3.48 25.92 -12.28
CA THR B 154 -2.19 26.43 -12.72
C THR B 154 -1.59 25.55 -13.82
N GLU B 155 -1.72 24.23 -13.66
CA GLU B 155 -1.17 23.31 -14.63
C GLU B 155 -1.94 23.38 -15.95
N LEU B 156 -3.26 23.59 -15.88
CA LEU B 156 -4.06 23.72 -17.10
C LEU B 156 -3.65 24.96 -17.89
N GLN B 157 -3.41 26.08 -17.20
CA GLN B 157 -2.93 27.28 -17.89
C GLN B 157 -1.61 27.01 -18.62
N LYS B 158 -0.71 26.27 -17.98
CA LYS B 158 0.56 25.96 -18.64
C LYS B 158 0.35 25.02 -19.81
N LEU B 159 -0.49 23.99 -19.64
CA LEU B 159 -0.78 23.09 -20.75
C LEU B 159 -1.41 23.82 -21.93
N ALA B 160 -2.26 24.82 -21.65
CA ALA B 160 -2.99 25.54 -22.70
C ALA B 160 -2.24 26.76 -23.22
N GLY B 161 -1.22 27.22 -22.50
CA GLY B 161 -0.55 28.47 -22.83
C GLY B 161 -1.45 29.69 -22.74
N ARG B 162 -2.42 29.68 -21.83
CA ARG B 162 -3.43 30.73 -21.75
CA ARG B 162 -3.43 30.73 -21.75
C ARG B 162 -3.76 31.05 -20.30
N ARG B 163 -4.13 32.30 -20.05
CA ARG B 163 -4.82 32.63 -18.81
C ARG B 163 -6.26 32.14 -18.92
N ILE B 164 -6.76 31.53 -17.84
CA ILE B 164 -8.09 30.94 -17.80
C ILE B 164 -8.79 31.43 -16.54
N GLU B 165 -10.00 31.99 -16.68
CA GLU B 165 -10.66 32.56 -15.51
C GLU B 165 -12.11 32.08 -15.31
N THR B 166 -12.77 31.66 -16.39
CA THR B 166 -14.14 31.22 -16.32
C THR B 166 -14.24 29.73 -16.59
N VAL B 167 -15.40 29.16 -16.23
CA VAL B 167 -15.64 27.75 -16.49
C VAL B 167 -15.61 27.48 -17.99
N ALA B 168 -16.28 28.33 -18.78
CA ALA B 168 -16.32 28.09 -20.22
C ALA B 168 -14.93 28.22 -20.85
N GLU B 169 -14.11 29.15 -20.37
CA GLU B 169 -12.73 29.22 -20.85
C GLU B 169 -11.97 27.94 -20.50
N ALA B 170 -12.22 27.38 -19.32
CA ALA B 170 -11.56 26.16 -18.93
C ALA B 170 -12.00 24.98 -19.79
N VAL B 171 -13.30 24.90 -20.11
CA VAL B 171 -13.77 23.84 -21.01
C VAL B 171 -13.08 23.95 -22.36
N ASP B 172 -13.00 25.17 -22.91
CA ASP B 172 -12.35 25.33 -24.19
C ASP B 172 -10.88 24.94 -24.13
N ALA B 173 -10.18 25.31 -23.06
CA ALA B 173 -8.78 24.91 -22.93
C ALA B 173 -8.65 23.39 -22.86
N CYS B 174 -9.58 22.73 -22.15
CA CYS B 174 -9.55 21.27 -22.09
C CYS B 174 -9.77 20.66 -23.47
N ARG B 175 -10.73 21.22 -24.24
CA ARG B 175 -11.03 20.69 -25.56
C ARG B 175 -9.84 20.85 -26.51
N THR B 176 -9.12 21.96 -26.39
CA THR B 176 -7.94 22.17 -27.21
C THR B 176 -6.84 21.20 -26.83
N LEU B 177 -6.72 20.90 -25.53
CA LEU B 177 -5.75 19.92 -25.08
C LEU B 177 -6.15 18.52 -25.55
N ILE B 178 -7.44 18.20 -25.48
CA ILE B 178 -7.94 16.89 -25.93
C ILE B 178 -7.61 16.67 -27.41
N ALA B 179 -7.70 17.74 -28.21
CA ALA B 179 -7.34 17.63 -29.62
C ALA B 179 -5.86 17.29 -29.81
N ARG B 180 -5.04 17.45 -28.77
CA ARG B 180 -3.62 17.10 -28.80
C ARG B 180 -3.35 15.65 -28.43
N GLY B 181 -4.34 14.91 -27.92
CA GLY B 181 -4.10 13.54 -27.54
C GLY B 181 -5.03 12.95 -26.49
N PRO B 182 -5.09 13.56 -25.31
CA PRO B 182 -5.85 12.94 -24.21
C PRO B 182 -7.33 12.85 -24.56
N LYS B 183 -7.99 11.81 -24.04
CA LYS B 183 -9.43 11.67 -24.20
C LYS B 183 -10.22 12.36 -23.08
N ILE B 184 -9.62 12.55 -21.92
CA ILE B 184 -10.36 13.06 -20.77
C ILE B 184 -9.44 13.95 -19.96
N ILE B 185 -9.95 15.12 -19.54
CA ILE B 185 -9.24 16.01 -18.64
C ILE B 185 -10.06 16.15 -17.38
N LEU B 186 -9.44 15.89 -16.23
CA LEU B 186 -10.03 16.18 -14.94
C LEU B 186 -9.29 17.41 -14.41
N VAL B 187 -9.96 18.55 -14.34
CA VAL B 187 -9.35 19.72 -13.73
C VAL B 187 -9.58 19.55 -12.22
N LYS B 188 -8.53 19.10 -11.52
CA LYS B 188 -8.70 18.64 -10.15
C LYS B 188 -8.90 19.78 -9.16
N HIS B 189 -8.64 21.01 -9.56
CA HIS B 189 -9.02 22.19 -8.79
C HIS B 189 -9.13 23.33 -9.80
N LEU B 190 -10.34 23.84 -9.98
CA LEU B 190 -10.62 24.85 -10.98
C LEU B 190 -10.83 26.18 -10.27
N HIS B 191 -10.19 27.23 -10.79
CA HIS B 191 -10.38 28.57 -10.27
C HIS B 191 -11.47 29.25 -11.11
N ASP B 192 -12.65 29.42 -10.52
CA ASP B 192 -13.80 30.02 -11.18
C ASP B 192 -14.10 31.36 -10.51
N ARG B 193 -13.78 32.46 -11.21
CA ARG B 193 -14.00 33.78 -10.62
C ARG B 193 -15.46 34.08 -10.37
N ASN B 194 -16.39 33.34 -10.97
CA ASN B 194 -17.81 33.54 -10.75
C ASN B 194 -18.36 32.66 -9.63
N SER B 195 -17.53 31.86 -8.99
CA SER B 195 -17.97 30.98 -7.92
C SER B 195 -17.74 31.63 -6.57
N PRO B 196 -18.59 31.34 -5.58
CA PRO B 196 -18.33 31.80 -4.22
C PRO B 196 -16.99 31.30 -3.71
N ALA B 197 -16.39 32.10 -2.83
CA ALA B 197 -15.05 31.79 -2.32
C ALA B 197 -15.00 30.50 -1.51
N ASP B 198 -16.13 30.05 -0.97
CA ASP B 198 -16.15 28.88 -0.09
C ASP B 198 -16.41 27.58 -0.84
N ARG B 199 -16.32 27.58 -2.17
CA ARG B 199 -16.53 26.39 -2.98
C ARG B 199 -15.21 25.93 -3.59
N PHE B 200 -15.00 24.60 -3.56
CA PHE B 200 -13.90 23.94 -4.26
C PHE B 200 -14.47 23.35 -5.55
N ASN B 201 -14.04 23.89 -6.70
CA ASN B 201 -14.58 23.53 -8.00
C ASN B 201 -13.69 22.49 -8.67
N MET B 202 -14.32 21.53 -9.36
CA MET B 202 -13.64 20.59 -10.24
C MET B 202 -14.41 20.51 -11.54
N LEU B 203 -13.73 20.04 -12.59
CA LEU B 203 -14.33 19.96 -13.91
C LEU B 203 -13.86 18.67 -14.56
N ALA B 204 -14.75 17.98 -15.27
CA ALA B 204 -14.35 16.83 -16.08
C ALA B 204 -14.82 17.06 -17.51
N VAL B 205 -13.90 16.92 -18.47
CA VAL B 205 -14.18 17.27 -19.86
C VAL B 205 -13.71 16.14 -20.78
N THR B 206 -14.57 15.75 -21.73
CA THR B 206 -14.18 14.94 -22.87
C THR B 206 -14.54 15.70 -24.13
N GLU B 207 -14.31 15.08 -25.29
CA GLU B 207 -14.68 15.73 -26.54
C GLU B 207 -16.17 16.05 -26.58
N THR B 208 -17.01 15.24 -25.92
CA THR B 208 -18.45 15.39 -26.01
C THR B 208 -19.15 15.73 -24.71
N GLU B 209 -18.49 15.63 -23.56
CA GLU B 209 -19.12 15.90 -22.28
C GLU B 209 -18.32 16.95 -21.51
N ALA B 210 -19.00 17.68 -20.64
CA ALA B 210 -18.34 18.58 -19.71
C ALA B 210 -19.21 18.68 -18.47
N TRP B 211 -18.62 18.38 -17.31
CA TRP B 211 -19.34 18.35 -16.05
C TRP B 211 -18.57 19.20 -15.05
N ILE B 212 -19.27 20.11 -14.38
CA ILE B 212 -18.69 20.96 -13.34
C ILE B 212 -19.32 20.54 -12.01
N GLY B 213 -18.53 20.57 -10.95
CA GLY B 213 -19.06 20.21 -9.65
C GLY B 213 -18.30 20.94 -8.56
N GLN B 214 -18.87 20.92 -7.35
CA GLN B 214 -18.30 21.65 -6.23
C GLN B 214 -18.46 20.85 -4.95
N ARG B 215 -17.45 20.93 -4.10
CA ARG B 215 -17.53 20.50 -2.71
C ARG B 215 -17.08 21.66 -1.84
N PRO B 216 -17.34 21.61 -0.53
CA PRO B 216 -16.95 22.73 0.32
C PRO B 216 -15.44 22.93 0.36
N LEU B 217 -15.02 24.20 0.37
CA LEU B 217 -13.61 24.55 0.51
C LEU B 217 -13.33 24.81 1.99
N TYR B 218 -12.45 24.01 2.58
CA TYR B 218 -12.09 24.13 3.98
C TYR B 218 -10.82 24.97 4.14
N ALA B 219 -10.81 25.84 5.13
CA ALA B 219 -9.68 26.74 5.35
C ALA B 219 -8.76 26.17 6.43
N PHE B 220 -7.90 25.24 6.03
CA PHE B 220 -6.95 24.65 6.96
C PHE B 220 -5.87 25.68 7.30
N PRO B 221 -5.37 25.67 8.54
CA PRO B 221 -4.20 26.50 8.86
C PRO B 221 -2.96 26.07 8.09
N ARG B 222 -2.81 24.77 7.84
CA ARG B 222 -1.80 24.25 6.93
C ARG B 222 -2.51 23.23 6.06
N HIS B 223 -2.51 23.45 4.76
CA HIS B 223 -3.31 22.60 3.89
C HIS B 223 -2.70 21.21 3.78
N PRO B 224 -3.49 20.14 3.92
CA PRO B 224 -2.93 18.80 3.84
C PRO B 224 -2.31 18.52 2.49
N VAL B 225 -1.25 17.75 2.52
CA VAL B 225 -0.60 17.27 1.32
C VAL B 225 -1.34 16.03 0.86
N GLY B 226 -1.34 15.80 -0.45
CA GLY B 226 -1.85 14.56 -0.98
C GLY B 226 -3.28 14.59 -1.49
N VAL B 227 -3.97 15.73 -1.39
CA VAL B 227 -5.35 15.80 -1.88
C VAL B 227 -5.39 15.63 -3.40
N GLY B 228 -4.43 16.23 -4.11
CA GLY B 228 -4.39 16.05 -5.56
C GLY B 228 -4.11 14.61 -5.95
N ASP B 229 -3.19 13.96 -5.24
CA ASP B 229 -2.89 12.56 -5.52
C ASP B 229 -4.11 11.68 -5.25
N LEU B 230 -4.80 11.96 -4.14
CA LEU B 230 -6.01 11.22 -3.80
C LEU B 230 -7.09 11.40 -4.86
N THR B 231 -7.27 12.64 -5.31
CA THR B 231 -8.28 12.95 -6.32
C THR B 231 -8.04 12.18 -7.61
N SER B 232 -6.80 12.25 -8.13
CA SER B 232 -6.50 11.55 -9.39
C SER B 232 -6.68 10.05 -9.24
N ALA B 233 -6.24 9.50 -8.10
CA ALA B 233 -6.31 8.05 -7.89
C ALA B 233 -7.75 7.57 -7.84
N ILE B 234 -8.60 8.27 -7.09
CA ILE B 234 -10.00 7.85 -7.02
C ILE B 234 -10.65 7.91 -8.39
N PHE B 235 -10.38 8.98 -9.15
CA PHE B 235 -10.97 9.09 -10.48
C PHE B 235 -10.52 7.94 -11.38
N VAL B 236 -9.22 7.64 -11.36
CA VAL B 236 -8.69 6.53 -12.14
C VAL B 236 -9.36 5.22 -11.76
N ALA B 237 -9.49 4.96 -10.45
CA ALA B 237 -10.11 3.72 -9.99
C ALA B 237 -11.56 3.63 -10.44
N ARG B 238 -12.33 4.72 -10.33
CA ARG B 238 -13.73 4.69 -10.74
C ARG B 238 -13.86 4.45 -12.25
N ARG B 239 -12.95 5.03 -13.04
CA ARG B 239 -12.98 4.77 -14.47
C ARG B 239 -12.66 3.31 -14.76
N LEU B 240 -11.69 2.73 -14.04
CA LEU B 240 -11.39 1.30 -14.22
C LEU B 240 -12.54 0.41 -13.80
N ARG B 241 -13.31 0.82 -12.79
CA ARG B 241 -14.51 0.08 -12.41
C ARG B 241 -15.63 0.22 -13.43
N GLY B 242 -15.46 1.04 -14.47
CA GLY B 242 -16.45 1.17 -15.51
C GLY B 242 -17.44 2.31 -15.37
N ASP B 243 -17.20 3.23 -14.43
CA ASP B 243 -18.09 4.38 -14.28
C ASP B 243 -18.08 5.27 -15.51
N SER B 244 -19.23 5.85 -15.80
CA SER B 244 -19.32 6.94 -16.76
C SER B 244 -18.47 8.14 -16.30
N VAL B 245 -18.27 9.09 -17.20
CA VAL B 245 -17.53 10.30 -16.84
C VAL B 245 -18.19 10.97 -15.65
N ARG B 246 -19.51 11.17 -15.72
CA ARG B 246 -20.20 11.85 -14.64
C ARG B 246 -20.14 11.07 -13.34
N ALA B 247 -20.36 9.76 -13.39
CA ALA B 247 -20.35 8.97 -12.16
C ALA B 247 -18.97 8.94 -11.53
N ALA B 248 -17.94 8.78 -12.36
CA ALA B 248 -16.57 8.79 -11.82
C ALA B 248 -16.26 10.14 -11.21
N PHE B 249 -16.68 11.21 -11.88
CA PHE B 249 -16.48 12.56 -11.40
C PHE B 249 -17.17 12.78 -10.07
N GLU B 250 -18.45 12.40 -9.98
CA GLU B 250 -19.21 12.63 -8.75
C GLU B 250 -18.68 11.79 -7.60
N HIS B 251 -18.31 10.53 -7.86
CA HIS B 251 -17.76 9.72 -6.78
C HIS B 251 -16.46 10.31 -6.26
N THR B 252 -15.62 10.81 -7.17
CA THR B 252 -14.36 11.44 -6.77
C THR B 252 -14.62 12.64 -5.88
N LEU B 253 -15.54 13.51 -6.30
CA LEU B 253 -15.84 14.72 -5.53
C LEU B 253 -16.32 14.35 -4.13
N ALA B 254 -17.23 13.38 -4.05
CA ALA B 254 -17.84 13.03 -2.77
C ALA B 254 -16.85 12.30 -1.88
N ALA B 255 -16.04 11.40 -2.45
CA ALA B 255 -15.07 10.65 -1.65
C ALA B 255 -13.95 11.56 -1.16
N VAL B 256 -13.46 12.47 -2.00
CA VAL B 256 -12.45 13.41 -1.56
C VAL B 256 -13.00 14.31 -0.47
N HIS B 257 -14.22 14.81 -0.65
CA HIS B 257 -14.85 15.60 0.41
C HIS B 257 -14.84 14.85 1.73
N ALA B 258 -15.24 13.57 1.72
CA ALA B 258 -15.32 12.83 2.97
C ALA B 258 -13.96 12.75 3.65
N VAL B 259 -12.89 12.53 2.89
CA VAL B 259 -11.56 12.44 3.50
C VAL B 259 -11.12 13.80 4.02
N VAL B 260 -11.31 14.85 3.22
CA VAL B 260 -10.89 16.18 3.64
C VAL B 260 -11.68 16.64 4.86
N LYS B 261 -13.00 16.44 4.86
CA LYS B 261 -13.83 16.79 6.00
C LYS B 261 -13.39 16.05 7.26
N ALA B 262 -13.12 14.74 7.13
CA ALA B 262 -12.66 13.99 8.30
C ALA B 262 -11.36 14.59 8.83
N THR B 263 -10.45 14.98 7.92
CA THR B 263 -9.19 15.56 8.34
C THR B 263 -9.41 16.90 9.02
N TYR B 264 -10.29 17.72 8.45
CA TYR B 264 -10.59 19.03 9.01
C TYR B 264 -11.25 18.91 10.39
N ASP B 265 -12.24 18.03 10.50
CA ASP B 265 -12.97 17.86 11.76
C ASP B 265 -12.07 17.41 12.88
N ALA B 266 -10.99 16.70 12.57
CA ALA B 266 -10.06 16.25 13.60
C ALA B 266 -8.92 17.23 13.81
N ARG B 267 -8.89 18.33 13.04
CA ARG B 267 -7.81 19.32 13.11
CA ARG B 267 -7.81 19.32 13.09
C ARG B 267 -6.45 18.67 12.89
N ARG B 268 -6.39 17.71 11.98
CA ARG B 268 -5.15 17.02 11.65
C ARG B 268 -4.53 17.63 10.40
N TYR B 269 -3.23 17.39 10.22
CA TYR B 269 -2.48 17.78 9.05
C TYR B 269 -2.46 16.69 7.99
N GLU B 270 -2.15 15.45 8.40
CA GLU B 270 -2.18 14.32 7.48
C GLU B 270 -3.63 13.90 7.21
N LEU B 271 -3.90 13.52 5.96
CA LEU B 271 -5.25 13.07 5.62
C LEU B 271 -5.69 11.90 6.49
N GLU B 272 -6.96 11.94 6.93
CA GLU B 272 -7.58 10.86 7.69
C GLU B 272 -8.04 9.75 6.75
N LEU B 273 -7.07 9.22 6.01
CA LEU B 273 -7.37 8.34 4.89
C LEU B 273 -7.96 7.01 5.36
N ILE B 274 -7.30 6.35 6.33
CA ILE B 274 -7.78 5.04 6.77
C ILE B 274 -9.06 5.18 7.59
N ALA B 275 -9.13 6.22 8.43
CA ALA B 275 -10.34 6.45 9.21
C ALA B 275 -11.57 6.63 8.32
N ALA B 276 -11.40 7.27 7.17
CA ALA B 276 -12.50 7.60 6.27
C ALA B 276 -12.69 6.55 5.18
N GLN B 277 -12.12 5.35 5.33
CA GLN B 277 -12.09 4.42 4.20
C GLN B 277 -13.49 4.00 3.75
N ASP B 278 -14.43 3.86 4.69
CA ASP B 278 -15.77 3.43 4.27
C ASP B 278 -16.46 4.49 3.45
N GLU B 279 -16.15 5.76 3.73
CA GLU B 279 -16.70 6.86 2.95
C GLU B 279 -16.03 6.97 1.58
N ILE B 280 -14.78 6.54 1.45
CA ILE B 280 -14.18 6.45 0.13
C ILE B 280 -14.99 5.50 -0.75
N ALA B 281 -15.32 4.32 -0.19
CA ALA B 281 -16.07 3.33 -0.95
C ALA B 281 -17.52 3.74 -1.17
N ARG B 282 -18.15 4.32 -0.14
CA ARG B 282 -19.58 4.65 -0.18
C ARG B 282 -19.77 6.01 0.49
N PRO B 283 -19.53 7.10 -0.24
CA PRO B 283 -19.72 8.43 0.36
C PRO B 283 -21.16 8.61 0.83
N SER B 284 -21.31 9.18 2.02
CA SER B 284 -22.63 9.38 2.61
CA SER B 284 -22.64 9.36 2.58
C SER B 284 -23.27 10.70 2.22
N GLU B 285 -22.49 11.66 1.74
CA GLU B 285 -22.99 12.93 1.25
C GLU B 285 -22.56 13.07 -0.19
N TRP B 286 -23.50 13.45 -1.06
CA TRP B 286 -23.27 13.49 -2.49
C TRP B 286 -23.37 14.93 -2.99
N PHE B 287 -22.58 15.23 -4.03
CA PHE B 287 -22.53 16.56 -4.65
C PHE B 287 -22.76 16.37 -6.15
N GLY B 288 -24.01 16.36 -6.56
CA GLY B 288 -24.31 16.15 -7.98
C GLY B 288 -23.67 17.22 -8.85
N ALA B 289 -23.17 16.80 -10.00
CA ALA B 289 -22.56 17.69 -10.98
C ALA B 289 -23.61 18.26 -11.92
N TRP B 290 -23.21 19.27 -12.68
CA TRP B 290 -24.10 19.83 -13.70
C TRP B 290 -23.36 20.05 -15.00
N VAL B 291 -24.14 20.08 -16.08
CA VAL B 291 -23.56 20.18 -17.42
CA VAL B 291 -23.60 20.20 -17.43
C VAL B 291 -23.04 21.59 -17.66
N THR B 292 -21.92 21.67 -18.37
CA THR B 292 -21.39 22.95 -18.86
C THR B 292 -20.89 22.73 -20.28
N ASP B 293 -20.29 23.77 -20.86
CA ASP B 293 -19.92 23.71 -22.27
C ASP B 293 -18.98 24.87 -22.58
N VAL B 294 -18.48 24.89 -23.82
CA VAL B 294 -17.70 26.03 -24.32
C VAL B 294 -18.63 27.20 -24.66
CL CL C . 10.10 1.48 -1.81
CL CL D . -9.33 20.53 -0.34
#